data_4BH3
#
_entry.id   4BH3
#
_cell.length_a   102.015
_cell.length_b   102.015
_cell.length_c   331.150
_cell.angle_alpha   90.00
_cell.angle_beta   90.00
_cell.angle_gamma   120.00
#
_symmetry.space_group_name_H-M   'H 3 2'
#
loop_
_entity.id
_entity.type
_entity.pdbx_description
1 polymer HEMAGGLUTININ
2 polymer HEMAGGLUTININ
3 branched beta-D-mannopyranose-(1-3)-[alpha-D-mannopyranose-(1-6)]beta-D-mannopyranose-(1-4)-2-acetamido-2-deoxy-beta-D-glucopyranose-(1-4)-[alpha-L-fucopyranose-(1-6)]2-acetamido-2-deoxy-beta-D-glucopyranose
4 branched 'N-acetyl-alpha-neuraminic acid-(2-6)-beta-D-galactopyranose-(1-4)-2-acetamido-2-deoxy-beta-D-glucopyranose'
5 non-polymer 2-acetamido-2-deoxy-beta-D-glucopyranose
6 non-polymer '4-(2-HYDROXYETHYL)-1-PIPERAZINE ETHANESULFONIC ACID'
7 water water
#
loop_
_entity_poly.entity_id
_entity_poly.type
_entity_poly.pdbx_seq_one_letter_code
_entity_poly.pdbx_strand_id
1 'polypeptide(L)'
;DPDQICIGYHANNSTEQVDTIMEKNVTVTHAQDILEKKHNGKLCDLDGVKPLILRDCSVAGWLLGNPMCDEFINVPEWSY
IVEKANPVNDLCYPGDFNDYEELKHLLSRINHFEKIQIIPKSSWSSHEASLGVSSACPYQGKSSFFRNVVWLIKKDSTYP
TIKRSYNNTNQEDLLVLWGIHHPNDAAEQTKLYQNPTTYISVGTSTLNQRLVPRIATRSKVKGLSGRMEFFWTILKPNDA
INFESNGNFIAPEYAYKIVKKGDSTIMKSELEYGNCNTKCQTPMGAINSSMPFHNIHPLTIGECPKYVKSNRLVLAIGLR
NSPQRETR
;
A
2 'polypeptide(L)'
;GLFGAIAGFIEGGWQGMVDGWYGYHHSNEQGSGYAADKESTQKAIDGVTNKVNSIIDKMNTQFEAVGREFNNLERRIENL
NKKMEDGFLDVWTYNAELLVLMENERTLDFHDSNVKNLYDKVRLQLRDNAKELGNGCFEFYHKCDNECMESVRNGTYDYP
QYSEEAR
;
B
#
loop_
_chem_comp.id
_chem_comp.type
_chem_comp.name
_chem_comp.formula
BMA D-saccharide, beta linking beta-D-mannopyranose 'C6 H12 O6'
EPE non-polymer '4-(2-HYDROXYETHYL)-1-PIPERAZINE ETHANESULFONIC ACID' 'C8 H18 N2 O4 S'
FUC L-saccharide, alpha linking alpha-L-fucopyranose 'C6 H12 O5'
GAL D-saccharide, beta linking beta-D-galactopyranose 'C6 H12 O6'
MAN D-saccharide, alpha linking alpha-D-mannopyranose 'C6 H12 O6'
NAG D-saccharide, beta linking 2-acetamido-2-deoxy-beta-D-glucopyranose 'C8 H15 N O6'
SIA D-saccharide, alpha linking 'N-acetyl-alpha-neuraminic acid' 'C11 H19 N O9'
#
# COMPACT_ATOMS: atom_id res chain seq x y z
N ASP A 1 -25.11 -60.96 12.81
CA ASP A 1 -23.91 -60.28 12.22
C ASP A 1 -23.09 -59.60 13.31
N PRO A 2 -21.76 -59.82 13.32
CA PRO A 2 -21.00 -59.28 14.44
C PRO A 2 -21.01 -57.76 14.50
N ASP A 3 -20.90 -57.21 15.72
CA ASP A 3 -20.87 -55.76 15.92
C ASP A 3 -19.54 -55.21 15.43
N GLN A 4 -19.55 -53.95 14.99
CA GLN A 4 -18.35 -53.27 14.47
C GLN A 4 -18.22 -51.86 15.03
N ILE A 5 -16.98 -51.44 15.27
CA ILE A 5 -16.67 -50.01 15.41
C ILE A 5 -15.55 -49.63 14.41
N CYS A 6 -15.68 -48.43 13.84
CA CYS A 6 -14.81 -47.97 12.76
C CYS A 6 -14.29 -46.58 13.10
N ILE A 7 -13.07 -46.30 12.64
CA ILE A 7 -12.50 -44.97 12.69
C ILE A 7 -12.55 -44.33 11.32
N GLY A 8 -12.87 -43.04 11.29
CA GLY A 8 -13.04 -42.31 10.04
C GLY A 8 -12.95 -40.82 10.25
N TYR A 9 -13.22 -40.10 9.16
CA TYR A 9 -13.03 -38.67 9.14
C TYR A 9 -14.10 -37.96 8.35
N HIS A 10 -14.16 -36.65 8.56
CA HIS A 10 -15.21 -35.77 8.00
C HIS A 10 -15.06 -35.59 6.48
N ALA A 11 -16.19 -35.64 5.78
CA ALA A 11 -16.31 -35.21 4.39
C ALA A 11 -17.49 -34.27 4.28
N ASN A 12 -17.51 -33.45 3.22
CA ASN A 12 -18.63 -32.54 2.97
C ASN A 12 -18.79 -32.24 1.47
N ASN A 13 -19.58 -31.22 1.13
CA ASN A 13 -19.89 -30.89 -0.27
C ASN A 13 -18.95 -29.86 -0.90
N SER A 14 -17.84 -29.55 -0.23
CA SER A 14 -16.87 -28.59 -0.74
C SER A 14 -16.18 -29.08 -2.01
N THR A 15 -16.12 -28.19 -3.00
CA THR A 15 -15.34 -28.40 -4.23
C THR A 15 -14.07 -27.53 -4.24
N GLU A 16 -13.78 -26.84 -3.14
CA GLU A 16 -12.57 -26.02 -3.03
C GLU A 16 -11.31 -26.87 -3.20
N GLN A 17 -10.39 -26.39 -4.02
CA GLN A 17 -9.13 -27.07 -4.26
C GLN A 17 -7.94 -26.25 -3.79
N VAL A 18 -6.90 -26.96 -3.36
CA VAL A 18 -5.59 -26.37 -3.09
C VAL A 18 -4.50 -27.14 -3.82
N ASP A 19 -3.32 -26.54 -3.87
CA ASP A 19 -2.13 -27.22 -4.36
C ASP A 19 -1.21 -27.51 -3.17
N THR A 20 -0.52 -28.64 -3.23
CA THR A 20 0.52 -28.98 -2.28
C THR A 20 1.82 -29.14 -3.05
N ILE A 21 2.93 -29.26 -2.33
CA ILE A 21 4.23 -29.37 -3.00
C ILE A 21 4.32 -30.62 -3.89
N MET A 22 3.62 -31.69 -3.51
CA MET A 22 3.69 -32.98 -4.21
CA MET A 22 3.73 -32.94 -4.27
C MET A 22 2.51 -33.25 -5.16
N GLU A 23 1.43 -32.48 -5.02
CA GLU A 23 0.20 -32.75 -5.76
C GLU A 23 -0.62 -31.47 -6.01
N LYS A 24 -1.08 -31.30 -7.24
CA LYS A 24 -1.93 -30.15 -7.59
C LYS A 24 -3.41 -30.50 -7.48
N ASN A 25 -4.24 -29.48 -7.27
CA ASN A 25 -5.69 -29.60 -7.38
C ASN A 25 -6.30 -30.67 -6.44
N VAL A 26 -5.91 -30.59 -5.17
CA VAL A 26 -6.43 -31.44 -4.10
C VAL A 26 -7.70 -30.80 -3.54
N THR A 27 -8.82 -31.54 -3.61
CA THR A 27 -10.08 -31.03 -3.09
C THR A 27 -10.06 -31.25 -1.58
N VAL A 28 -10.48 -30.23 -0.83
CA VAL A 28 -10.46 -30.25 0.63
C VAL A 28 -11.80 -29.78 1.19
N THR A 29 -12.05 -30.08 2.47
CA THR A 29 -13.32 -29.72 3.13
C THR A 29 -13.44 -28.23 3.47
N HIS A 30 -12.31 -27.56 3.69
CA HIS A 30 -12.29 -26.11 3.96
C HIS A 30 -10.89 -25.53 3.68
N ALA A 31 -10.89 -24.30 3.16
CA ALA A 31 -9.67 -23.60 2.77
C ALA A 31 -9.81 -22.11 3.02
N GLN A 32 -8.69 -21.40 2.96
CA GLN A 32 -8.66 -19.96 3.26
C GLN A 32 -7.60 -19.26 2.40
N ASP A 33 -8.02 -18.24 1.65
CA ASP A 33 -7.09 -17.48 0.81
C ASP A 33 -6.42 -16.40 1.67
N ILE A 34 -5.11 -16.28 1.54
CA ILE A 34 -4.35 -15.25 2.28
C ILE A 34 -3.84 -14.12 1.38
N LEU A 35 -4.31 -14.07 0.14
CA LEU A 35 -3.96 -13.00 -0.77
C LEU A 35 -5.07 -11.96 -0.81
N GLU A 36 -4.76 -10.70 -0.47
CA GLU A 36 -5.74 -9.63 -0.66
C GLU A 36 -5.85 -9.24 -2.14
N LYS A 37 -7.07 -9.28 -2.70
CA LYS A 37 -7.30 -8.90 -4.10
C LYS A 37 -8.28 -7.73 -4.27
N LYS A 38 -8.86 -7.25 -3.18
CA LYS A 38 -9.89 -6.22 -3.23
C LYS A 38 -9.41 -4.85 -2.74
N HIS A 39 -9.98 -3.81 -3.34
CA HIS A 39 -9.80 -2.42 -2.93
C HIS A 39 -11.16 -1.75 -3.06
N ASN A 40 -11.33 -0.56 -2.45
CA ASN A 40 -12.63 0.15 -2.46
C ASN A 40 -12.84 1.13 -3.62
N GLY A 41 -11.84 1.28 -4.48
CA GLY A 41 -11.97 2.09 -5.69
C GLY A 41 -11.95 3.59 -5.43
N LYS A 42 -11.48 3.98 -4.25
CA LYS A 42 -11.51 5.38 -3.83
C LYS A 42 -10.18 5.85 -3.25
N LEU A 43 -9.94 7.15 -3.33
CA LEU A 43 -8.83 7.81 -2.65
C LEU A 43 -9.31 8.27 -1.28
N CYS A 44 -8.59 7.85 -0.24
CA CYS A 44 -9.02 8.02 1.13
C CYS A 44 -8.01 8.78 1.98
N ASP A 45 -8.47 9.20 3.16
CA ASP A 45 -7.56 9.68 4.21
C ASP A 45 -6.60 8.57 4.59
N LEU A 46 -5.45 8.96 5.11
CA LEU A 46 -4.45 8.02 5.61
C LEU A 46 -4.21 8.28 7.10
N ASP A 47 -4.74 7.41 7.96
CA ASP A 47 -4.51 7.44 9.42
C ASP A 47 -4.81 8.72 10.26
N GLY A 48 -5.97 9.36 10.20
CA GLY A 48 -6.83 9.51 9.04
C GLY A 48 -6.72 10.99 8.71
N VAL A 49 -5.62 11.34 8.05
CA VAL A 49 -5.35 12.70 7.60
C VAL A 49 -5.59 12.74 6.10
N LYS A 50 -6.29 13.77 5.63
CA LYS A 50 -6.74 13.85 4.24
C LYS A 50 -5.56 14.09 3.29
N PRO A 51 -5.63 13.55 2.06
CA PRO A 51 -4.60 13.94 1.09
C PRO A 51 -4.86 15.31 0.51
N LEU A 52 -3.83 15.90 -0.08
CA LEU A 52 -3.98 17.11 -0.90
C LEU A 52 -4.21 16.66 -2.33
N ILE A 53 -5.41 16.90 -2.86
CA ILE A 53 -5.79 16.45 -4.19
C ILE A 53 -5.82 17.64 -5.15
N LEU A 54 -4.88 17.66 -6.11
CA LEU A 54 -4.63 18.86 -6.91
C LEU A 54 -5.50 18.99 -8.16
N ARG A 55 -6.41 18.05 -8.36
CA ARG A 55 -7.30 18.06 -9.53
C ARG A 55 -6.46 18.24 -10.79
N ASP A 56 -6.54 19.37 -11.48
CA ASP A 56 -5.81 19.52 -12.74
C ASP A 56 -4.62 20.46 -12.68
N CYS A 57 -4.00 20.55 -11.50
CA CYS A 57 -2.82 21.39 -11.33
C CYS A 57 -1.63 20.61 -10.82
N SER A 58 -0.44 21.05 -11.24
CA SER A 58 0.80 20.50 -10.74
C SER A 58 1.11 21.17 -9.42
N VAL A 59 2.01 20.57 -8.66
CA VAL A 59 2.46 21.18 -7.42
C VAL A 59 2.98 22.61 -7.67
N ALA A 60 3.73 22.80 -8.76
CA ALA A 60 4.29 24.12 -9.08
C ALA A 60 3.20 25.18 -9.36
N GLY A 61 2.20 24.83 -10.17
CA GLY A 61 1.10 25.73 -10.49
C GLY A 61 0.34 26.12 -9.25
N TRP A 62 0.06 25.11 -8.41
CA TRP A 62 -0.57 25.32 -7.11
C TRP A 62 0.23 26.26 -6.21
N LEU A 63 1.52 25.99 -5.99
CA LEU A 63 2.38 26.87 -5.17
C LEU A 63 2.49 28.31 -5.69
N LEU A 64 2.75 28.44 -6.99
CA LEU A 64 2.97 29.76 -7.59
C LEU A 64 1.67 30.53 -7.83
N GLY A 65 0.54 29.84 -7.82
CA GLY A 65 -0.76 30.47 -8.07
C GLY A 65 -1.04 30.68 -9.54
N ASN A 66 -0.76 29.66 -10.36
CA ASN A 66 -1.17 29.65 -11.77
C ASN A 66 -2.66 30.03 -11.82
N PRO A 67 -3.00 31.12 -12.51
CA PRO A 67 -4.40 31.61 -12.48
C PRO A 67 -5.41 30.67 -13.14
N MET A 68 -4.92 29.78 -14.00
CA MET A 68 -5.78 28.79 -14.66
C MET A 68 -6.17 27.68 -13.69
N CYS A 69 -5.45 27.57 -12.57
CA CYS A 69 -5.81 26.67 -11.49
C CYS A 69 -7.03 27.17 -10.74
N ASP A 70 -7.64 26.28 -9.96
CA ASP A 70 -8.71 26.66 -9.04
C ASP A 70 -8.14 27.59 -7.98
N GLU A 71 -8.99 28.47 -7.46
CA GLU A 71 -8.57 29.43 -6.44
C GLU A 71 -8.03 28.67 -5.22
N PHE A 72 -7.04 29.26 -4.56
CA PHE A 72 -6.38 28.60 -3.42
C PHE A 72 -7.32 28.44 -2.24
N ILE A 73 -7.64 27.19 -1.90
CA ILE A 73 -8.35 26.87 -0.66
C ILE A 73 -7.33 26.37 0.34
N ASN A 74 -7.35 26.94 1.55
CA ASN A 74 -6.43 26.53 2.59
C ASN A 74 -6.69 25.09 3.06
N VAL A 75 -5.67 24.24 2.90
CA VAL A 75 -5.65 22.92 3.52
C VAL A 75 -4.44 22.94 4.44
N PRO A 76 -4.67 22.98 5.77
CA PRO A 76 -3.55 23.22 6.70
C PRO A 76 -2.66 22.00 6.99
N GLU A 77 -3.05 20.80 6.53
CA GLU A 77 -2.22 19.61 6.70
C GLU A 77 -2.68 18.54 5.72
N TRP A 78 -1.76 17.64 5.35
CA TRP A 78 -2.13 16.50 4.54
C TRP A 78 -1.11 15.36 4.67
N SER A 79 -1.51 14.17 4.21
CA SER A 79 -0.73 12.94 4.39
C SER A 79 0.06 12.54 3.16
N TYR A 80 -0.50 12.82 1.99
CA TYR A 80 0.16 12.59 0.72
C TYR A 80 -0.47 13.52 -0.33
N ILE A 81 0.23 13.72 -1.45
CA ILE A 81 -0.28 14.55 -2.55
C ILE A 81 -0.70 13.66 -3.72
N VAL A 82 -1.84 14.01 -4.32
CA VAL A 82 -2.32 13.36 -5.52
C VAL A 82 -2.31 14.34 -6.69
N GLU A 83 -1.59 13.96 -7.75
CA GLU A 83 -1.61 14.66 -9.02
C GLU A 83 -2.19 13.72 -10.04
N LYS A 84 -2.79 14.26 -11.09
CA LYS A 84 -3.08 13.47 -12.28
C LYS A 84 -1.76 13.16 -12.98
N ALA A 85 -1.76 12.14 -13.84
CA ALA A 85 -0.56 11.74 -14.56
C ALA A 85 0.02 12.92 -15.31
N ASN A 86 -0.84 13.66 -16.00
CA ASN A 86 -0.42 14.80 -16.81
C ASN A 86 -1.28 16.04 -16.51
N PRO A 87 -0.96 16.77 -15.41
CA PRO A 87 -1.77 17.94 -15.07
C PRO A 87 -1.74 18.99 -16.17
N VAL A 88 -2.91 19.44 -16.61
CA VAL A 88 -2.99 20.39 -17.72
C VAL A 88 -2.37 21.74 -17.36
N ASN A 89 -2.57 22.18 -16.11
CA ASN A 89 -2.11 23.49 -15.65
C ASN A 89 -0.88 23.36 -14.75
N ASP A 90 0.29 23.67 -15.31
CA ASP A 90 1.56 23.57 -14.59
C ASP A 90 2.20 24.96 -14.56
N LEU A 91 3.13 25.24 -15.47
CA LEU A 91 3.69 26.59 -15.59
C LEU A 91 3.04 27.23 -16.79
N CYS A 92 2.14 28.18 -16.54
CA CYS A 92 1.42 28.83 -17.60
C CYS A 92 2.39 29.60 -18.50
N TYR A 93 3.30 30.37 -17.89
CA TYR A 93 4.39 30.99 -18.63
C TYR A 93 5.53 29.98 -18.69
N PRO A 94 6.01 29.66 -19.90
CA PRO A 94 6.96 28.55 -20.02
C PRO A 94 8.28 28.78 -19.30
N GLY A 95 8.90 27.69 -18.87
CA GLY A 95 10.16 27.77 -18.14
C GLY A 95 10.42 26.58 -17.25
N ASP A 96 11.03 26.82 -16.10
CA ASP A 96 11.55 25.75 -15.25
C ASP A 96 11.47 26.06 -13.76
N PHE A 97 11.46 25.00 -12.97
CA PHE A 97 11.40 25.08 -11.53
C PHE A 97 12.62 24.33 -10.99
N ASN A 98 13.51 25.06 -10.34
CA ASN A 98 14.78 24.49 -9.85
C ASN A 98 14.55 23.51 -8.68
N ASP A 99 15.25 22.38 -8.70
CA ASP A 99 15.11 21.35 -7.62
C ASP A 99 13.65 21.02 -7.33
N TYR A 100 12.88 20.83 -8.40
CA TYR A 100 11.43 20.67 -8.30
C TYR A 100 11.04 19.36 -7.62
N GLU A 101 11.73 18.29 -7.95
CA GLU A 101 11.40 16.97 -7.42
C GLU A 101 11.68 16.88 -5.92
N GLU A 102 12.81 17.45 -5.48
CA GLU A 102 13.07 17.53 -4.03
C GLU A 102 12.03 18.36 -3.32
N LEU A 103 11.58 19.47 -3.91
CA LEU A 103 10.55 20.28 -3.28
C LEU A 103 9.25 19.49 -3.14
N LYS A 104 8.84 18.80 -4.19
CA LYS A 104 7.64 17.96 -4.14
C LYS A 104 7.74 16.89 -3.04
N HIS A 105 8.89 16.24 -2.95
CA HIS A 105 9.11 15.27 -1.89
C HIS A 105 8.97 15.90 -0.50
N LEU A 106 9.53 17.10 -0.33
CA LEU A 106 9.46 17.81 0.96
C LEU A 106 8.00 18.12 1.32
N LEU A 107 7.21 18.47 0.32
CA LEU A 107 5.82 18.86 0.54
C LEU A 107 4.84 17.69 0.56
N SER A 108 5.34 16.47 0.34
CA SER A 108 4.50 15.28 0.22
CA SER A 108 4.51 15.27 0.23
C SER A 108 3.62 15.06 1.45
N ARG A 109 4.21 15.20 2.64
CA ARG A 109 3.46 15.11 3.90
C ARG A 109 3.80 16.35 4.75
N ILE A 110 2.76 17.05 5.19
CA ILE A 110 2.90 18.32 5.90
C ILE A 110 1.95 18.37 7.09
N ASN A 111 2.48 18.81 8.23
CA ASN A 111 1.76 18.86 9.49
C ASN A 111 1.07 20.21 9.69
N HIS A 112 1.71 21.28 9.21
CA HIS A 112 1.06 22.60 9.15
C HIS A 112 1.49 23.37 7.91
N PHE A 113 0.53 24.02 7.25
CA PHE A 113 0.78 24.77 6.02
C PHE A 113 -0.11 26.02 6.03
N GLU A 114 0.49 27.19 5.84
CA GLU A 114 -0.23 28.46 5.91
C GLU A 114 0.42 29.52 5.01
N LYS A 115 -0.35 29.97 4.02
CA LYS A 115 0.08 31.01 3.11
C LYS A 115 0.03 32.36 3.84
N ILE A 116 1.11 33.13 3.75
CA ILE A 116 1.12 34.50 4.29
C ILE A 116 1.72 35.47 3.29
N GLN A 117 1.31 36.72 3.41
CA GLN A 117 1.88 37.81 2.64
C GLN A 117 3.18 38.23 3.32
N ILE A 118 4.28 38.23 2.58
CA ILE A 118 5.57 38.67 3.13
C ILE A 118 6.07 39.99 2.54
N ILE A 119 5.72 40.29 1.29
CA ILE A 119 6.07 41.56 0.64
C ILE A 119 4.84 42.06 -0.08
N PRO A 120 4.16 43.08 0.48
CA PRO A 120 2.95 43.58 -0.16
C PRO A 120 3.21 44.06 -1.59
N LYS A 121 2.34 43.63 -2.52
CA LYS A 121 2.39 44.09 -3.90
C LYS A 121 2.36 45.62 -4.02
N SER A 122 1.69 46.28 -3.07
CA SER A 122 1.58 47.74 -3.05
C SER A 122 2.86 48.47 -2.62
N SER A 123 3.85 47.74 -2.13
CA SER A 123 5.06 48.35 -1.56
C SER A 123 6.15 48.68 -2.60
N TRP A 124 5.90 48.38 -3.87
CA TRP A 124 6.87 48.64 -4.92
C TRP A 124 6.68 50.05 -5.50
N SER A 125 7.17 51.05 -4.77
CA SER A 125 6.97 52.46 -5.11
C SER A 125 7.78 52.94 -6.32
N SER A 126 8.96 52.35 -6.49
CA SER A 126 9.90 52.80 -7.54
C SER A 126 9.86 51.94 -8.81
N HIS A 127 8.97 50.94 -8.83
CA HIS A 127 8.82 50.05 -9.98
C HIS A 127 7.35 49.83 -10.33
N GLU A 128 7.10 49.38 -11.56
CA GLU A 128 5.75 49.07 -12.01
C GLU A 128 5.42 47.62 -11.63
N ALA A 129 4.35 47.45 -10.85
CA ALA A 129 4.00 46.14 -10.29
C ALA A 129 2.68 45.58 -10.80
N SER A 130 1.98 46.30 -11.68
CA SER A 130 0.67 45.86 -12.16
C SER A 130 0.63 45.66 -13.68
N LEU A 131 1.80 45.55 -14.32
CA LEU A 131 1.87 45.27 -15.75
C LEU A 131 2.54 43.94 -16.07
N GLY A 132 2.88 43.17 -15.04
CA GLY A 132 3.57 41.90 -15.21
C GLY A 132 2.64 40.78 -15.59
N VAL A 133 2.08 40.87 -16.80
CA VAL A 133 1.06 39.94 -17.26
C VAL A 133 1.39 39.36 -18.63
N SER A 134 0.70 38.29 -18.99
CA SER A 134 0.95 37.58 -20.24
C SER A 134 -0.30 36.84 -20.73
N SER A 135 -0.45 36.78 -22.05
CA SER A 135 -1.54 36.02 -22.66
C SER A 135 -1.43 34.51 -22.36
N ALA A 136 -0.22 34.06 -22.03
CA ALA A 136 0.02 32.68 -21.62
C ALA A 136 -0.60 32.30 -20.27
N CYS A 137 -0.87 33.30 -19.43
CA CYS A 137 -1.46 33.08 -18.10
C CYS A 137 -2.78 33.84 -17.94
N PRO A 138 -3.82 33.42 -18.70
CA PRO A 138 -5.08 34.16 -18.65
C PRO A 138 -5.85 33.92 -17.37
N TYR A 139 -6.59 34.93 -16.94
CA TYR A 139 -7.67 34.77 -15.98
C TYR A 139 -8.89 35.55 -16.47
N GLN A 140 -9.98 34.83 -16.70
CA GLN A 140 -11.24 35.41 -17.16
C GLN A 140 -11.06 36.26 -18.43
N GLY A 141 -10.50 35.63 -19.47
CA GLY A 141 -10.32 36.25 -20.77
C GLY A 141 -9.35 37.43 -20.84
N LYS A 142 -8.56 37.62 -19.78
CA LYS A 142 -7.60 38.73 -19.73
C LYS A 142 -6.24 38.25 -19.24
N SER A 143 -5.18 38.78 -19.85
CA SER A 143 -3.81 38.41 -19.50
C SER A 143 -3.56 38.62 -18.02
N SER A 144 -2.90 37.65 -17.40
CA SER A 144 -2.58 37.72 -15.97
C SER A 144 -1.25 37.02 -15.72
N PHE A 145 -1.05 36.52 -14.49
CA PHE A 145 0.21 35.89 -14.13
C PHE A 145 0.03 35.04 -12.87
N PHE A 146 1.05 34.24 -12.56
CA PHE A 146 1.10 33.53 -11.29
C PHE A 146 0.73 34.52 -10.18
N ARG A 147 -0.21 34.14 -9.34
CA ARG A 147 -0.80 35.04 -8.35
C ARG A 147 0.07 35.30 -7.12
N ASN A 148 1.06 34.45 -6.85
CA ASN A 148 1.80 34.56 -5.58
C ASN A 148 3.16 35.25 -5.70
N VAL A 149 3.53 35.57 -6.93
CA VAL A 149 4.78 36.28 -7.21
C VAL A 149 4.46 37.45 -8.14
N VAL A 150 5.37 38.42 -8.23
CA VAL A 150 5.12 39.65 -8.96
C VAL A 150 6.20 39.91 -10.02
N TRP A 151 5.77 40.02 -11.26
CA TRP A 151 6.66 40.34 -12.38
C TRP A 151 6.85 41.86 -12.49
N LEU A 152 7.94 42.37 -11.91
CA LEU A 152 8.21 43.80 -11.91
C LEU A 152 8.82 44.27 -13.23
N ILE A 153 8.43 45.45 -13.70
CA ILE A 153 9.09 46.05 -14.87
C ILE A 153 9.45 47.51 -14.58
N LYS A 154 10.13 48.14 -15.52
CA LYS A 154 10.60 49.51 -15.33
C LYS A 154 9.45 50.49 -15.20
N LYS A 155 9.75 51.63 -14.59
CA LYS A 155 8.79 52.72 -14.41
C LYS A 155 9.47 54.02 -14.80
N ASP A 156 8.83 54.78 -15.68
CA ASP A 156 9.39 56.04 -16.19
C ASP A 156 10.79 55.84 -16.76
N SER A 157 10.92 54.80 -17.59
CA SER A 157 12.22 54.42 -18.18
C SER A 157 13.32 54.25 -17.12
N THR A 158 12.95 53.78 -15.94
CA THR A 158 13.91 53.57 -14.86
C THR A 158 13.58 52.29 -14.09
N TYR A 159 14.62 51.53 -13.78
CA TYR A 159 14.52 50.36 -12.89
C TYR A 159 15.58 50.53 -11.80
N PRO A 160 15.23 51.22 -10.71
CA PRO A 160 16.17 51.39 -9.61
C PRO A 160 16.57 50.06 -8.98
N THR A 161 17.81 49.99 -8.48
CA THR A 161 18.28 48.77 -7.83
C THR A 161 17.44 48.49 -6.59
N ILE A 162 16.86 47.30 -6.55
CA ILE A 162 16.03 46.86 -5.44
C ILE A 162 16.91 46.29 -4.32
N LYS A 163 16.61 46.69 -3.09
CA LYS A 163 17.21 46.08 -1.90
C LYS A 163 16.08 45.83 -0.90
N ARG A 164 15.68 44.57 -0.78
CA ARG A 164 14.54 44.18 0.03
C ARG A 164 14.88 43.03 0.96
N SER A 165 14.40 43.11 2.20
CA SER A 165 14.56 42.03 3.15
C SER A 165 13.24 41.60 3.72
N TYR A 166 13.11 40.30 3.97
CA TYR A 166 12.06 39.78 4.84
C TYR A 166 12.69 38.95 5.95
N ASN A 167 12.26 39.24 7.17
CA ASN A 167 12.74 38.52 8.35
C ASN A 167 11.65 37.56 8.82
N ASN A 168 11.99 36.28 8.97
CA ASN A 168 11.02 35.30 9.44
C ASN A 168 10.79 35.45 10.95
N THR A 169 9.84 36.31 11.31
CA THR A 169 9.43 36.52 12.69
C THR A 169 8.45 35.46 13.18
N ASN A 170 8.08 34.53 12.30
CA ASN A 170 7.19 33.45 12.68
C ASN A 170 7.96 32.37 13.45
N GLN A 171 7.24 31.43 14.03
CA GLN A 171 7.86 30.34 14.79
C GLN A 171 8.03 29.08 13.94
N GLU A 172 7.83 29.20 12.63
CA GLU A 172 7.86 28.06 11.73
C GLU A 172 8.75 28.36 10.53
N ASP A 173 9.28 27.30 9.94
CA ASP A 173 10.01 27.42 8.68
C ASP A 173 9.12 28.09 7.66
N LEU A 174 9.74 28.81 6.73
CA LEU A 174 9.01 29.51 5.68
C LEU A 174 9.54 29.07 4.32
N LEU A 175 8.64 28.55 3.48
CA LEU A 175 8.96 28.25 2.09
C LEU A 175 8.80 29.53 1.27
N VAL A 176 9.90 30.02 0.70
CA VAL A 176 9.90 31.24 -0.12
C VAL A 176 10.24 30.91 -1.56
N LEU A 177 9.48 31.52 -2.48
CA LEU A 177 9.60 31.30 -3.92
C LEU A 177 9.87 32.62 -4.63
N TRP A 178 10.81 32.59 -5.58
CA TRP A 178 11.04 33.72 -6.49
C TRP A 178 11.45 33.20 -7.86
N GLY A 179 11.59 34.10 -8.82
CA GLY A 179 11.97 33.73 -10.17
C GLY A 179 12.81 34.76 -10.90
N ILE A 180 13.31 34.35 -12.06
CA ILE A 180 14.01 35.22 -12.99
C ILE A 180 13.39 35.08 -14.38
N HIS A 181 13.24 36.20 -15.08
CA HIS A 181 12.78 36.18 -16.47
C HIS A 181 13.98 36.19 -17.42
N HIS A 182 13.99 35.26 -18.36
CA HIS A 182 15.00 35.17 -19.40
C HIS A 182 14.41 35.69 -20.71
N PRO A 183 14.74 36.96 -21.07
CA PRO A 183 14.19 37.52 -22.29
C PRO A 183 14.83 36.96 -23.57
N ASN A 184 14.30 37.41 -24.70
CA ASN A 184 14.66 36.89 -26.01
C ASN A 184 15.88 37.54 -26.62
N ASP A 185 16.06 38.83 -26.37
CA ASP A 185 17.22 39.57 -26.83
C ASP A 185 17.40 40.89 -26.07
N ALA A 186 18.47 41.61 -26.39
CA ALA A 186 18.84 42.82 -25.66
C ALA A 186 17.82 43.94 -25.83
N ALA A 187 17.16 43.99 -26.99
CA ALA A 187 16.13 44.98 -27.24
C ALA A 187 14.92 44.75 -26.33
N GLU A 188 14.54 43.49 -26.16
CA GLU A 188 13.50 43.15 -25.20
C GLU A 188 13.95 43.41 -23.77
N GLN A 189 15.19 43.04 -23.45
CA GLN A 189 15.77 43.28 -22.12
C GLN A 189 15.58 44.73 -21.66
N THR A 190 16.05 45.68 -22.47
CA THR A 190 15.98 47.09 -22.13
C THR A 190 14.54 47.62 -22.19
N LYS A 191 13.71 47.04 -23.05
CA LYS A 191 12.30 47.42 -23.12
C LYS A 191 11.61 47.19 -21.78
N LEU A 192 11.83 46.03 -21.18
CA LEU A 192 11.18 45.68 -19.91
C LEU A 192 11.85 46.29 -18.69
N TYR A 193 13.18 46.29 -18.66
CA TYR A 193 13.93 46.60 -17.44
C TYR A 193 14.91 47.78 -17.52
N GLN A 194 15.01 48.41 -18.69
CA GLN A 194 15.92 49.55 -18.94
C GLN A 194 17.41 49.15 -18.95
N ASN A 195 17.86 48.54 -17.85
CA ASN A 195 19.26 48.16 -17.68
C ASN A 195 19.62 46.94 -18.53
N PRO A 196 20.71 47.03 -19.32
CA PRO A 196 21.09 45.91 -20.20
C PRO A 196 21.75 44.72 -19.49
N THR A 197 22.48 44.97 -18.41
CA THR A 197 23.23 43.94 -17.71
C THR A 197 22.71 43.86 -16.27
N THR A 198 22.05 42.75 -15.94
CA THR A 198 21.29 42.66 -14.71
C THR A 198 21.60 41.41 -13.92
N TYR A 199 21.18 41.42 -12.66
CA TYR A 199 21.39 40.30 -11.78
C TYR A 199 20.26 40.22 -10.75
N ILE A 200 20.17 39.07 -10.09
CA ILE A 200 19.35 38.90 -8.90
C ILE A 200 20.21 38.17 -7.86
N SER A 201 20.57 38.85 -6.78
CA SER A 201 21.29 38.21 -5.68
C SER A 201 20.33 37.89 -4.55
N VAL A 202 20.44 36.68 -3.98
CA VAL A 202 19.59 36.27 -2.88
C VAL A 202 20.45 35.65 -1.78
N GLY A 203 20.32 36.16 -0.56
CA GLY A 203 21.12 35.66 0.55
C GLY A 203 20.30 35.39 1.79
N THR A 204 20.60 34.27 2.44
CA THR A 204 20.11 33.97 3.78
C THR A 204 21.33 33.66 4.65
N SER A 205 21.13 32.99 5.77
CA SER A 205 22.26 32.52 6.57
C SER A 205 22.97 31.34 5.89
N THR A 206 22.30 30.65 4.98
CA THR A 206 22.90 29.54 4.22
C THR A 206 22.98 29.77 2.70
N LEU A 207 22.01 30.50 2.14
CA LEU A 207 21.93 30.72 0.69
C LEU A 207 22.82 31.89 0.24
N ASN A 208 23.52 31.68 -0.86
CA ASN A 208 24.42 32.69 -1.43
C ASN A 208 24.32 32.59 -2.95
N GLN A 209 23.24 33.17 -3.48
CA GLN A 209 22.86 32.99 -4.88
C GLN A 209 23.00 34.29 -5.68
N ARG A 210 23.47 34.16 -6.92
CA ARG A 210 23.43 35.27 -7.89
CA ARG A 210 23.46 35.26 -7.89
C ARG A 210 23.00 34.75 -9.25
N LEU A 211 21.81 35.16 -9.67
CA LEU A 211 21.26 34.76 -10.95
C LEU A 211 21.52 35.84 -11.99
N VAL A 212 21.73 35.42 -13.24
CA VAL A 212 21.83 36.37 -14.36
C VAL A 212 20.97 35.84 -15.50
N PRO A 213 20.31 36.74 -16.24
CA PRO A 213 19.46 36.24 -17.32
C PRO A 213 20.29 35.72 -18.48
N ARG A 214 19.95 34.53 -18.98
CA ARG A 214 20.52 33.97 -20.20
C ARG A 214 19.64 34.29 -21.39
N ILE A 215 20.22 34.96 -22.37
CA ILE A 215 19.57 35.15 -23.67
C ILE A 215 19.81 33.90 -24.50
N ALA A 216 18.77 33.43 -25.18
CA ALA A 216 18.91 32.40 -26.19
C ALA A 216 17.78 32.61 -27.16
N THR A 217 18.02 32.23 -28.41
CA THR A 217 16.95 32.17 -29.38
C THR A 217 16.29 30.84 -29.12
N ARG A 218 15.05 30.89 -28.63
CA ARG A 218 14.34 29.70 -28.22
C ARG A 218 13.10 29.56 -29.06
N SER A 219 12.57 28.35 -29.08
CA SER A 219 11.35 28.06 -29.78
C SER A 219 10.20 28.72 -29.04
N LYS A 220 9.23 29.24 -29.80
CA LYS A 220 8.01 29.77 -29.20
C LYS A 220 7.24 28.61 -28.60
N VAL A 221 6.84 28.79 -27.34
CA VAL A 221 5.96 27.86 -26.64
C VAL A 221 4.80 28.70 -26.13
N LYS A 222 3.60 28.39 -26.62
CA LYS A 222 2.43 29.22 -26.39
C LYS A 222 2.66 30.66 -26.87
N GLY A 223 3.33 30.79 -28.02
CA GLY A 223 3.63 32.09 -28.61
C GLY A 223 4.83 32.84 -28.04
N LEU A 224 5.50 32.27 -27.04
CA LEU A 224 6.54 32.96 -26.28
C LEU A 224 7.89 32.28 -26.34
N SER A 225 8.92 33.03 -26.70
CA SER A 225 10.30 32.56 -26.68
C SER A 225 10.99 32.92 -25.36
N GLY A 226 10.33 33.72 -24.53
CA GLY A 226 10.83 34.03 -23.20
C GLY A 226 10.65 32.86 -22.26
N ARG A 227 11.32 32.91 -21.11
CA ARG A 227 11.25 31.84 -20.10
C ARG A 227 11.28 32.43 -18.70
N MET A 228 10.58 31.77 -17.79
CA MET A 228 10.65 32.08 -16.36
C MET A 228 11.34 30.89 -15.70
N GLU A 229 12.26 31.16 -14.78
CA GLU A 229 12.91 30.10 -14.05
C GLU A 229 12.70 30.38 -12.56
N PHE A 230 12.13 29.42 -11.83
CA PHE A 230 11.79 29.64 -10.41
C PHE A 230 12.71 28.91 -9.45
N PHE A 231 12.90 29.54 -8.29
CA PHE A 231 13.80 29.06 -7.25
C PHE A 231 13.11 29.11 -5.89
N TRP A 232 13.68 28.40 -4.93
CA TRP A 232 13.08 28.34 -3.60
C TRP A 232 14.09 28.07 -2.52
N THR A 233 13.74 28.43 -1.29
CA THR A 233 14.54 28.07 -0.12
C THR A 233 13.62 27.93 1.10
N ILE A 234 14.17 27.34 2.16
CA ILE A 234 13.49 27.22 3.44
C ILE A 234 14.14 28.23 4.37
N LEU A 235 13.39 29.26 4.72
CA LEU A 235 13.91 30.31 5.59
C LEU A 235 13.58 29.95 7.04
N LYS A 236 14.61 29.71 7.85
CA LYS A 236 14.43 29.29 9.24
C LYS A 236 13.90 30.44 10.09
N PRO A 237 13.25 30.13 11.23
CA PRO A 237 12.84 31.19 12.15
C PRO A 237 14.01 32.07 12.59
N ASN A 238 13.79 33.38 12.53
CA ASN A 238 14.76 34.40 12.94
C ASN A 238 15.85 34.69 11.90
N ASP A 239 15.81 33.97 10.78
CA ASP A 239 16.70 34.28 9.66
C ASP A 239 16.02 35.28 8.74
N ALA A 240 16.81 35.98 7.93
CA ALA A 240 16.29 36.94 6.96
C ALA A 240 16.76 36.58 5.57
N ILE A 241 15.87 36.80 4.59
CA ILE A 241 16.22 36.68 3.18
C ILE A 241 16.39 38.08 2.61
N ASN A 242 17.47 38.28 1.86
CA ASN A 242 17.80 39.59 1.31
C ASN A 242 17.91 39.51 -0.21
N PHE A 243 17.03 40.25 -0.89
CA PHE A 243 17.03 40.31 -2.36
C PHE A 243 17.69 41.58 -2.84
N GLU A 244 18.49 41.48 -3.90
CA GLU A 244 18.99 42.65 -4.61
C GLU A 244 18.90 42.42 -6.12
N SER A 245 18.39 43.40 -6.86
CA SER A 245 18.24 43.26 -8.30
C SER A 245 18.06 44.58 -9.03
N ASN A 246 18.59 44.64 -10.25
CA ASN A 246 18.38 45.74 -11.16
C ASN A 246 17.69 45.28 -12.44
N GLY A 247 16.95 44.19 -12.35
CA GLY A 247 16.12 43.73 -13.47
C GLY A 247 15.81 42.24 -13.46
N ASN A 248 14.76 41.88 -14.21
CA ASN A 248 14.39 40.49 -14.49
C ASN A 248 13.88 39.73 -13.27
N PHE A 249 13.57 40.44 -12.19
CA PHE A 249 13.23 39.84 -10.91
C PHE A 249 11.74 39.54 -10.83
N ILE A 250 11.42 38.27 -10.58
CA ILE A 250 10.06 37.84 -10.27
C ILE A 250 9.99 37.72 -8.76
N ALA A 251 9.42 38.74 -8.11
CA ALA A 251 9.48 38.88 -6.67
C ALA A 251 8.40 38.07 -5.95
N PRO A 252 8.71 37.63 -4.71
CA PRO A 252 7.65 37.05 -3.91
C PRO A 252 6.66 38.09 -3.42
N GLU A 253 5.39 37.71 -3.36
CA GLU A 253 4.43 38.43 -2.54
C GLU A 253 4.01 37.54 -1.38
N TYR A 254 3.56 36.32 -1.69
CA TYR A 254 3.18 35.34 -0.67
C TYR A 254 4.23 34.23 -0.51
N ALA A 255 4.36 33.75 0.72
CA ALA A 255 5.18 32.59 1.06
C ALA A 255 4.36 31.68 1.98
N TYR A 256 4.91 30.53 2.36
CA TYR A 256 4.17 29.53 3.11
C TYR A 256 4.89 29.09 4.39
N LYS A 257 4.24 29.28 5.53
CA LYS A 257 4.71 28.71 6.79
C LYS A 257 4.50 27.18 6.74
N ILE A 258 5.54 26.41 7.05
CA ILE A 258 5.42 24.96 7.06
C ILE A 258 5.94 24.31 8.35
N VAL A 259 5.26 23.25 8.80
CA VAL A 259 5.80 22.37 9.82
C VAL A 259 5.90 20.97 9.22
N LYS A 260 7.10 20.40 9.28
CA LYS A 260 7.43 19.14 8.63
C LYS A 260 7.71 18.10 9.72
N LYS A 261 6.93 17.02 9.72
CA LYS A 261 7.23 15.85 10.54
C LYS A 261 7.70 14.70 9.64
N GLY A 262 6.80 13.84 9.17
CA GLY A 262 7.19 12.75 8.26
C GLY A 262 7.23 13.14 6.79
N ASP A 263 7.56 12.15 5.95
CA ASP A 263 7.46 12.28 4.49
C ASP A 263 6.56 11.19 3.95
N SER A 264 6.08 11.40 2.73
CA SER A 264 5.42 10.35 1.98
C SER A 264 5.90 10.52 0.54
N THR A 265 4.99 10.63 -0.42
CA THR A 265 5.39 10.84 -1.81
C THR A 265 4.22 11.43 -2.58
N ILE A 266 4.39 11.57 -3.89
CA ILE A 266 3.35 12.06 -4.77
C ILE A 266 2.71 10.86 -5.43
N MET A 267 1.40 10.69 -5.24
CA MET A 267 0.66 9.63 -5.90
C MET A 267 0.09 10.16 -7.22
N LYS A 268 0.27 9.38 -8.27
CA LYS A 268 -0.32 9.70 -9.57
C LYS A 268 -1.62 8.92 -9.69
N SER A 269 -2.74 9.62 -9.76
CA SER A 269 -4.05 8.97 -9.83
C SER A 269 -5.08 9.88 -10.48
N GLU A 270 -6.05 9.27 -11.17
CA GLU A 270 -7.13 10.00 -11.82
C GLU A 270 -8.42 9.98 -10.98
N LEU A 271 -8.37 9.35 -9.82
CA LEU A 271 -9.53 9.26 -8.92
C LEU A 271 -9.71 10.54 -8.12
N GLU A 272 -10.93 10.76 -7.63
CA GLU A 272 -11.25 11.87 -6.75
C GLU A 272 -11.37 11.38 -5.30
N TYR A 273 -11.56 12.32 -4.37
CA TYR A 273 -11.70 11.99 -2.94
C TYR A 273 -12.96 11.15 -2.71
N GLY A 274 -12.86 10.16 -1.83
CA GLY A 274 -13.97 9.25 -1.55
C GLY A 274 -14.52 9.27 -0.14
N ASN A 275 -14.19 10.30 0.63
CA ASN A 275 -14.72 10.45 1.99
C ASN A 275 -14.60 9.16 2.81
N CYS A 276 -13.39 8.59 2.82
CA CYS A 276 -13.10 7.33 3.49
C CYS A 276 -11.79 7.45 4.24
N ASN A 277 -11.48 6.43 5.03
CA ASN A 277 -10.24 6.34 5.77
C ASN A 277 -9.58 4.98 5.56
N THR A 278 -8.26 4.94 5.56
CA THR A 278 -7.51 3.71 5.31
C THR A 278 -6.10 3.72 5.92
N LYS A 279 -5.51 2.53 6.04
CA LYS A 279 -4.11 2.39 6.43
C LYS A 279 -3.20 2.21 5.21
N CYS A 280 -3.78 1.83 4.07
CA CYS A 280 -3.03 1.53 2.87
C CYS A 280 -3.75 2.04 1.62
N GLN A 281 -3.15 3.00 0.93
CA GLN A 281 -3.73 3.56 -0.28
C GLN A 281 -2.98 3.13 -1.52
N THR A 282 -3.72 2.75 -2.56
CA THR A 282 -3.16 2.56 -3.90
C THR A 282 -3.80 3.55 -4.87
N PRO A 283 -3.19 3.79 -6.05
CA PRO A 283 -3.75 4.75 -7.00
C PRO A 283 -5.13 4.38 -7.57
N MET A 284 -5.50 3.11 -7.52
CA MET A 284 -6.82 2.65 -7.99
C MET A 284 -7.80 2.35 -6.85
N GLY A 285 -7.36 2.50 -5.60
CA GLY A 285 -8.24 2.30 -4.45
C GLY A 285 -7.49 1.94 -3.19
N ALA A 286 -8.15 2.04 -2.05
CA ALA A 286 -7.53 1.72 -0.75
C ALA A 286 -7.74 0.26 -0.37
N ILE A 287 -6.83 -0.26 0.46
CA ILE A 287 -6.89 -1.63 0.98
C ILE A 287 -7.15 -1.61 2.48
N ASN A 288 -8.18 -2.35 2.92
CA ASN A 288 -8.45 -2.58 4.35
C ASN A 288 -8.35 -4.08 4.62
N SER A 289 -7.20 -4.50 5.14
CA SER A 289 -6.84 -5.91 5.17
C SER A 289 -5.74 -6.19 6.20
N SER A 290 -5.88 -7.33 6.90
CA SER A 290 -4.79 -7.83 7.73
C SER A 290 -4.05 -8.99 7.06
N MET A 291 -4.33 -9.24 5.78
N MET A 291 -4.34 -9.26 5.79
CA MET A 291 -3.68 -10.34 5.06
CA MET A 291 -3.70 -10.37 5.08
C MET A 291 -2.22 -9.99 4.77
C MET A 291 -2.26 -10.01 4.71
N PRO A 292 -1.36 -11.02 4.68
CA PRO A 292 0.07 -10.79 4.52
C PRO A 292 0.51 -10.36 3.12
N PHE A 293 -0.30 -10.63 2.10
CA PHE A 293 0.10 -10.38 0.72
C PHE A 293 -1.03 -9.73 -0.03
N HIS A 294 -0.70 -8.96 -1.07
CA HIS A 294 -1.71 -8.42 -1.97
C HIS A 294 -1.17 -8.34 -3.40
N ASN A 295 -2.07 -8.18 -4.37
CA ASN A 295 -1.67 -8.14 -5.79
C ASN A 295 -2.29 -6.97 -6.59
N ILE A 296 -2.69 -5.93 -5.87
CA ILE A 296 -3.46 -4.82 -6.45
C ILE A 296 -2.60 -3.84 -7.26
N HIS A 297 -1.52 -3.33 -6.68
CA HIS A 297 -0.73 -2.25 -7.30
C HIS A 297 0.57 -2.05 -6.52
N PRO A 298 1.70 -1.80 -7.21
CA PRO A 298 2.97 -1.62 -6.47
C PRO A 298 3.17 -0.22 -5.84
N LEU A 299 2.51 0.80 -6.38
CA LEU A 299 2.75 2.19 -5.95
C LEU A 299 1.85 2.58 -4.78
N THR A 300 2.07 1.92 -3.64
CA THR A 300 1.24 2.11 -2.47
C THR A 300 1.85 3.10 -1.50
N ILE A 301 0.99 3.77 -0.75
CA ILE A 301 1.39 4.63 0.34
C ILE A 301 0.67 4.17 1.59
N GLY A 302 1.45 3.89 2.64
CA GLY A 302 0.89 3.45 3.91
C GLY A 302 1.53 2.18 4.43
N GLU A 303 0.79 1.50 5.31
CA GLU A 303 1.22 0.23 5.89
C GLU A 303 0.46 -0.87 5.18
N CYS A 304 1.10 -1.50 4.21
CA CYS A 304 0.42 -2.40 3.30
C CYS A 304 0.92 -3.83 3.41
N PRO A 305 0.14 -4.80 2.92
CA PRO A 305 0.66 -6.17 2.76
C PRO A 305 1.80 -6.18 1.75
N LYS A 306 2.48 -7.31 1.63
CA LYS A 306 3.58 -7.43 0.68
C LYS A 306 3.02 -7.68 -0.73
N TYR A 307 3.54 -6.93 -1.70
CA TYR A 307 3.05 -6.99 -3.07
C TYR A 307 3.65 -8.19 -3.79
N VAL A 308 2.80 -9.01 -4.40
CA VAL A 308 3.25 -10.22 -5.12
C VAL A 308 2.60 -10.35 -6.49
N LYS A 309 3.25 -11.12 -7.36
CA LYS A 309 2.68 -11.47 -8.66
C LYS A 309 2.02 -12.85 -8.55
N SER A 310 0.77 -12.84 -8.09
CA SER A 310 0.01 -14.07 -7.83
CA SER A 310 0.01 -14.07 -7.85
C SER A 310 -1.48 -13.80 -7.99
N ASN A 311 -2.22 -14.80 -8.45
CA ASN A 311 -3.67 -14.74 -8.57
C ASN A 311 -4.38 -15.36 -7.35
N ARG A 312 -3.66 -16.16 -6.55
CA ARG A 312 -4.26 -16.82 -5.39
C ARG A 312 -3.22 -17.50 -4.51
N LEU A 313 -3.45 -17.43 -3.19
CA LEU A 313 -2.62 -18.11 -2.20
C LEU A 313 -3.57 -18.80 -1.22
N VAL A 314 -3.97 -20.02 -1.55
CA VAL A 314 -5.02 -20.69 -0.79
C VAL A 314 -4.45 -21.77 0.12
N LEU A 315 -4.67 -21.60 1.41
CA LEU A 315 -4.25 -22.55 2.44
C LEU A 315 -5.35 -23.57 2.69
N ALA A 316 -4.96 -24.84 2.78
CA ALA A 316 -5.83 -25.87 3.27
C ALA A 316 -6.08 -25.62 4.78
N ILE A 317 -7.33 -25.78 5.20
CA ILE A 317 -7.70 -25.79 6.62
C ILE A 317 -8.16 -27.19 6.96
N GLY A 318 -9.14 -27.68 6.21
CA GLY A 318 -9.72 -28.98 6.45
C GLY A 318 -8.96 -30.12 5.78
N LEU A 319 -9.68 -31.22 5.53
CA LEU A 319 -9.12 -32.50 5.14
C LEU A 319 -9.33 -32.76 3.65
N ARG A 320 -8.55 -33.67 3.09
CA ARG A 320 -8.81 -34.21 1.75
C ARG A 320 -10.28 -34.64 1.64
N ASN A 321 -10.97 -34.11 0.64
CA ASN A 321 -12.39 -34.35 0.43
C ASN A 321 -12.59 -34.84 -1.01
N SER A 322 -13.30 -35.94 -1.18
CA SER A 322 -13.60 -36.46 -2.53
C SER A 322 -14.17 -35.35 -3.43
N PRO A 323 -13.60 -35.16 -4.64
CA PRO A 323 -14.15 -34.18 -5.59
C PRO A 323 -15.44 -34.62 -6.27
N GLN A 324 -16.05 -33.68 -7.02
CA GLN A 324 -17.30 -33.92 -7.73
C GLN A 324 -17.06 -34.43 -9.15
N GLY B 1 -1.23 -40.75 1.53
CA GLY B 1 -0.51 -39.74 2.33
C GLY B 1 0.44 -40.35 3.34
N LEU B 2 1.10 -39.47 4.09
CA LEU B 2 2.29 -39.87 4.85
C LEU B 2 2.01 -40.91 5.91
N PHE B 3 0.84 -40.83 6.54
CA PHE B 3 0.54 -41.69 7.67
C PHE B 3 -0.35 -42.87 7.30
N GLY B 4 -0.77 -42.93 6.03
CA GLY B 4 -1.40 -44.13 5.47
C GLY B 4 -2.87 -44.34 5.77
N ALA B 5 -3.49 -43.44 6.51
CA ALA B 5 -4.87 -43.62 6.97
C ALA B 5 -5.86 -42.95 6.02
N ILE B 6 -5.82 -41.61 5.96
CA ILE B 6 -6.74 -40.84 5.10
C ILE B 6 -6.49 -41.16 3.63
N ALA B 7 -7.56 -41.53 2.92
CA ALA B 7 -7.48 -41.98 1.54
C ALA B 7 -6.38 -43.05 1.37
N GLY B 8 -6.30 -43.94 2.37
CA GLY B 8 -5.28 -44.98 2.46
C GLY B 8 -5.98 -46.26 2.88
N PHE B 9 -5.68 -46.78 4.07
CA PHE B 9 -6.46 -47.92 4.57
C PHE B 9 -7.87 -47.50 4.98
N ILE B 10 -8.06 -46.22 5.31
CA ILE B 10 -9.40 -45.67 5.45
C ILE B 10 -9.69 -44.95 4.14
N GLU B 11 -10.45 -45.61 3.30
CA GLU B 11 -10.48 -45.27 1.89
C GLU B 11 -11.18 -43.97 1.55
N GLY B 12 -12.17 -43.58 2.35
CA GLY B 12 -12.88 -42.32 2.11
C GLY B 12 -13.45 -41.69 3.36
N GLY B 13 -13.85 -40.44 3.25
CA GLY B 13 -14.44 -39.68 4.36
C GLY B 13 -15.93 -39.92 4.51
N TRP B 14 -16.49 -39.48 5.63
CA TRP B 14 -17.90 -39.69 5.98
C TRP B 14 -18.71 -38.39 5.93
N GLN B 15 -19.58 -38.27 4.93
CA GLN B 15 -20.56 -37.18 4.88
C GLN B 15 -21.47 -37.17 6.12
N GLY B 16 -21.69 -38.37 6.68
CA GLY B 16 -22.61 -38.54 7.80
C GLY B 16 -22.12 -38.03 9.15
N MET B 17 -20.82 -37.86 9.30
CA MET B 17 -20.26 -37.28 10.52
C MET B 17 -20.09 -35.76 10.35
N VAL B 18 -21.09 -35.02 10.80
CA VAL B 18 -21.15 -33.58 10.58
C VAL B 18 -20.55 -32.72 11.69
N ASP B 19 -20.36 -33.28 12.89
CA ASP B 19 -20.03 -32.48 14.08
C ASP B 19 -18.58 -32.61 14.57
N GLY B 20 -17.68 -32.93 13.67
CA GLY B 20 -16.26 -33.05 14.02
C GLY B 20 -15.44 -33.48 12.83
N TRP B 21 -14.12 -33.42 12.99
CA TRP B 21 -13.19 -33.76 11.91
C TRP B 21 -12.88 -35.25 11.88
N TYR B 22 -12.73 -35.84 13.07
CA TYR B 22 -12.39 -37.26 13.22
C TYR B 22 -13.33 -37.92 14.22
N GLY B 23 -13.56 -39.22 14.04
CA GLY B 23 -14.45 -39.90 14.96
C GLY B 23 -14.73 -41.35 14.61
N TYR B 24 -15.90 -41.82 15.03
CA TYR B 24 -16.23 -43.24 15.04
C TYR B 24 -17.59 -43.50 14.42
N HIS B 25 -17.71 -44.68 13.81
CA HIS B 25 -18.99 -45.20 13.39
C HIS B 25 -19.13 -46.57 14.01
N HIS B 26 -20.28 -46.80 14.63
CA HIS B 26 -20.56 -48.07 15.25
C HIS B 26 -21.78 -48.71 14.61
N SER B 27 -21.80 -50.03 14.65
CA SER B 27 -22.96 -50.82 14.21
C SER B 27 -23.11 -51.97 15.19
N ASN B 28 -24.29 -52.09 15.80
CA ASN B 28 -24.62 -53.22 16.67
C ASN B 28 -26.12 -53.57 16.55
N GLU B 29 -26.60 -54.48 17.39
CA GLU B 29 -28.01 -54.88 17.33
C GLU B 29 -29.00 -53.77 17.68
N GLN B 30 -28.53 -52.75 18.40
CA GLN B 30 -29.34 -51.59 18.76
C GLN B 30 -29.40 -50.52 17.65
N GLY B 31 -28.47 -50.55 16.71
CA GLY B 31 -28.48 -49.62 15.58
C GLY B 31 -27.09 -49.19 15.16
N SER B 32 -26.99 -47.99 14.59
CA SER B 32 -25.73 -47.49 14.09
C SER B 32 -25.71 -45.97 14.06
N GLY B 33 -24.50 -45.41 14.00
CA GLY B 33 -24.36 -43.96 13.93
C GLY B 33 -22.94 -43.48 14.01
N TYR B 34 -22.79 -42.17 13.86
CA TYR B 34 -21.49 -41.49 13.89
C TYR B 34 -21.35 -40.69 15.17
N ALA B 35 -20.16 -40.71 15.75
CA ALA B 35 -19.82 -39.87 16.89
C ALA B 35 -18.45 -39.22 16.65
N ALA B 36 -18.42 -37.90 16.74
CA ALA B 36 -17.17 -37.14 16.61
C ALA B 36 -16.29 -37.40 17.83
N ASP B 37 -14.98 -37.47 17.62
CA ASP B 37 -14.04 -37.38 18.73
C ASP B 37 -13.79 -35.89 18.98
N LYS B 38 -14.38 -35.38 20.06
CA LYS B 38 -14.32 -33.96 20.39
C LYS B 38 -12.88 -33.49 20.65
N GLU B 39 -12.15 -34.25 21.44
CA GLU B 39 -10.80 -33.87 21.88
C GLU B 39 -9.83 -33.72 20.72
N SER B 40 -9.69 -34.76 19.90
CA SER B 40 -8.77 -34.70 18.75
C SER B 40 -9.18 -33.61 17.76
N THR B 41 -10.49 -33.46 17.53
CA THR B 41 -11.00 -32.42 16.62
C THR B 41 -10.59 -31.04 17.11
N GLN B 42 -10.87 -30.74 18.38
CA GLN B 42 -10.57 -29.41 18.92
C GLN B 42 -9.07 -29.11 18.88
N LYS B 43 -8.25 -30.08 19.29
CA LYS B 43 -6.78 -29.93 19.23
C LYS B 43 -6.29 -29.64 17.82
N ALA B 44 -6.89 -30.32 16.83
CA ALA B 44 -6.55 -30.09 15.43
C ALA B 44 -6.98 -28.71 14.95
N ILE B 45 -8.19 -28.31 15.30
CA ILE B 45 -8.66 -26.95 14.99
C ILE B 45 -7.71 -25.89 15.56
N ASP B 46 -7.38 -26.03 16.84
CA ASP B 46 -6.42 -25.11 17.48
C ASP B 46 -5.08 -25.09 16.73
N GLY B 47 -4.61 -26.28 16.33
CA GLY B 47 -3.34 -26.43 15.65
C GLY B 47 -3.29 -25.73 14.31
N VAL B 48 -4.29 -25.99 13.47
CA VAL B 48 -4.33 -25.38 12.15
C VAL B 48 -4.56 -23.88 12.25
N THR B 49 -5.45 -23.46 13.16
CA THR B 49 -5.71 -22.05 13.38
C THR B 49 -4.42 -21.32 13.78
N ASN B 50 -3.66 -21.92 14.68
CA ASN B 50 -2.38 -21.35 15.08
C ASN B 50 -1.40 -21.17 13.92
N LYS B 51 -1.34 -22.16 13.04
CA LYS B 51 -0.47 -22.11 11.86
C LYS B 51 -0.85 -20.94 10.97
N VAL B 52 -2.13 -20.82 10.65
CA VAL B 52 -2.59 -19.75 9.78
C VAL B 52 -2.30 -18.38 10.40
N ASN B 53 -2.62 -18.23 11.68
CA ASN B 53 -2.38 -16.99 12.40
C ASN B 53 -0.89 -16.63 12.48
N SER B 54 -0.02 -17.62 12.57
CA SER B 54 1.43 -17.38 12.60
C SER B 54 1.91 -16.85 11.25
N ILE B 55 1.50 -17.52 10.17
CA ILE B 55 1.78 -17.05 8.82
C ILE B 55 1.33 -15.61 8.60
N ILE B 56 0.19 -15.25 9.16
CA ILE B 56 -0.34 -13.89 9.06
C ILE B 56 0.36 -12.93 10.02
N ASP B 57 0.44 -13.29 11.30
CA ASP B 57 0.87 -12.37 12.36
C ASP B 57 2.39 -12.12 12.41
N LYS B 58 3.20 -13.08 11.97
CA LYS B 58 4.66 -12.91 11.97
C LYS B 58 5.17 -11.92 10.90
N MET B 59 4.31 -11.49 9.98
CA MET B 59 4.70 -10.52 8.96
C MET B 59 4.93 -9.14 9.59
N ASN B 60 6.12 -8.58 9.39
CA ASN B 60 6.40 -7.21 9.81
C ASN B 60 5.95 -6.29 8.69
N THR B 61 5.06 -5.37 9.04
CA THR B 61 4.51 -4.37 8.13
C THR B 61 4.97 -3.00 8.62
N GLN B 62 5.54 -2.21 7.73
CA GLN B 62 5.88 -0.83 8.07
C GLN B 62 5.43 0.15 7.00
N PHE B 63 5.25 1.40 7.41
CA PHE B 63 4.87 2.47 6.49
C PHE B 63 5.93 2.63 5.42
N GLU B 64 5.50 2.67 4.17
CA GLU B 64 6.37 3.11 3.07
C GLU B 64 5.55 3.95 2.08
N ALA B 65 6.24 4.82 1.35
CA ALA B 65 5.60 5.67 0.34
C ALA B 65 6.26 5.40 -1.01
N VAL B 66 5.56 4.69 -1.88
CA VAL B 66 6.14 4.24 -3.14
C VAL B 66 5.57 5.08 -4.28
N GLY B 67 6.45 5.86 -4.91
CA GLY B 67 6.08 6.70 -6.06
C GLY B 67 7.18 6.66 -7.09
N ARG B 68 7.18 7.65 -7.99
CA ARG B 68 8.17 7.75 -9.06
C ARG B 68 8.62 9.20 -9.12
N GLU B 69 9.63 9.54 -8.34
CA GLU B 69 10.01 10.95 -8.15
C GLU B 69 11.32 11.38 -8.85
N PHE B 70 11.89 10.50 -9.67
CA PHE B 70 13.09 10.84 -10.42
C PHE B 70 12.76 11.36 -11.82
N ASN B 71 13.57 12.29 -12.33
CA ASN B 71 13.29 12.96 -13.60
C ASN B 71 14.01 12.32 -14.79
N ASN B 72 13.89 12.95 -15.96
CA ASN B 72 14.39 12.37 -17.22
C ASN B 72 15.91 12.25 -17.31
N LEU B 73 16.63 13.01 -16.50
CA LEU B 73 18.09 12.88 -16.41
C LEU B 73 18.51 12.23 -15.09
N GLU B 74 17.60 11.44 -14.51
CA GLU B 74 17.88 10.58 -13.35
C GLU B 74 17.42 9.14 -13.63
N ARG B 75 17.58 8.68 -14.87
CA ARG B 75 17.13 7.34 -15.26
C ARG B 75 18.00 6.22 -14.63
N ARG B 76 19.29 6.46 -14.41
CA ARG B 76 20.13 5.43 -13.77
C ARG B 76 19.67 5.16 -12.33
N ILE B 77 19.27 6.19 -11.60
CA ILE B 77 18.76 6.02 -10.23
C ILE B 77 17.38 5.36 -10.26
N GLU B 78 16.53 5.80 -11.18
CA GLU B 78 15.23 5.16 -11.38
C GLU B 78 15.39 3.66 -11.70
N ASN B 79 16.38 3.29 -12.52
CA ASN B 79 16.66 1.87 -12.73
C ASN B 79 17.11 1.13 -11.46
N LEU B 80 17.84 1.82 -10.59
CA LEU B 80 18.24 1.21 -9.30
C LEU B 80 16.98 0.87 -8.49
N ASN B 81 16.02 1.80 -8.43
CA ASN B 81 14.74 1.54 -7.78
C ASN B 81 13.98 0.39 -8.43
N LYS B 82 13.97 0.34 -9.77
CA LYS B 82 13.31 -0.76 -10.48
C LYS B 82 13.86 -2.11 -10.04
N LYS B 83 15.18 -2.26 -10.09
CA LYS B 83 15.83 -3.51 -9.68
C LYS B 83 15.48 -3.90 -8.25
N MET B 84 15.39 -2.92 -7.36
CA MET B 84 15.04 -3.19 -5.96
C MET B 84 13.60 -3.68 -5.80
N GLU B 85 12.67 -2.92 -6.37
CA GLU B 85 11.23 -3.26 -6.37
C GLU B 85 10.95 -4.63 -6.96
N ASP B 86 11.47 -4.85 -8.17
CA ASP B 86 11.34 -6.14 -8.86
C ASP B 86 11.98 -7.25 -8.03
N GLY B 87 13.11 -6.96 -7.41
CA GLY B 87 13.81 -7.91 -6.57
C GLY B 87 12.97 -8.36 -5.38
N PHE B 88 12.40 -7.41 -4.65
CA PHE B 88 11.53 -7.76 -3.52
C PHE B 88 10.25 -8.46 -3.99
N LEU B 89 9.70 -8.04 -5.12
CA LEU B 89 8.54 -8.75 -5.68
C LEU B 89 8.87 -10.23 -5.96
N ASP B 90 10.02 -10.48 -6.57
CA ASP B 90 10.43 -11.85 -6.85
C ASP B 90 10.63 -12.67 -5.59
N VAL B 91 11.25 -12.05 -4.58
CA VAL B 91 11.44 -12.74 -3.31
C VAL B 91 10.10 -13.09 -2.65
N TRP B 92 9.21 -12.12 -2.49
CA TRP B 92 7.94 -12.39 -1.80
C TRP B 92 7.04 -13.34 -2.58
N THR B 93 7.06 -13.24 -3.90
CA THR B 93 6.26 -14.11 -4.75
C THR B 93 6.68 -15.55 -4.59
N TYR B 94 7.98 -15.81 -4.73
CA TYR B 94 8.51 -17.16 -4.56
C TYR B 94 8.25 -17.71 -3.17
N ASN B 95 8.58 -16.93 -2.15
CA ASN B 95 8.44 -17.39 -0.77
C ASN B 95 6.96 -17.64 -0.39
N ALA B 96 6.04 -16.80 -0.87
CA ALA B 96 4.62 -16.97 -0.59
C ALA B 96 4.07 -18.20 -1.29
N GLU B 97 4.42 -18.38 -2.57
CA GLU B 97 3.93 -19.52 -3.34
C GLU B 97 4.42 -20.85 -2.73
N LEU B 98 5.71 -20.94 -2.42
CA LEU B 98 6.24 -22.17 -1.82
C LEU B 98 5.74 -22.43 -0.41
N LEU B 99 5.62 -21.38 0.39
CA LEU B 99 5.06 -21.48 1.73
C LEU B 99 3.67 -22.15 1.71
N VAL B 100 2.83 -21.71 0.78
CA VAL B 100 1.50 -22.26 0.62
C VAL B 100 1.57 -23.70 0.21
N LEU B 101 2.39 -24.03 -0.78
CA LEU B 101 2.54 -25.42 -1.21
C LEU B 101 3.03 -26.32 -0.07
N MET B 102 4.06 -25.87 0.63
CA MET B 102 4.67 -26.67 1.69
C MET B 102 3.76 -26.83 2.91
N GLU B 103 3.10 -25.76 3.33
CA GLU B 103 2.22 -25.83 4.49
C GLU B 103 0.93 -26.61 4.22
N ASN B 104 0.45 -26.57 2.98
CA ASN B 104 -0.69 -27.41 2.61
C ASN B 104 -0.35 -28.89 2.72
N GLU B 105 0.87 -29.27 2.33
CA GLU B 105 1.32 -30.65 2.51
C GLU B 105 1.32 -31.01 4.01
N ARG B 106 1.85 -30.11 4.84
CA ARG B 106 1.91 -30.32 6.30
C ARG B 106 0.49 -30.49 6.88
N THR B 107 -0.42 -29.62 6.48
CA THR B 107 -1.79 -29.66 7.00
C THR B 107 -2.49 -30.97 6.69
N LEU B 108 -2.43 -31.39 5.43
CA LEU B 108 -3.07 -32.64 5.03
C LEU B 108 -2.44 -33.83 5.75
N ASP B 109 -1.11 -33.85 5.89
CA ASP B 109 -0.45 -34.93 6.63
C ASP B 109 -0.74 -34.91 8.14
N PHE B 110 -1.00 -33.72 8.69
CA PHE B 110 -1.37 -33.56 10.10
C PHE B 110 -2.73 -34.24 10.37
N HIS B 111 -3.71 -33.99 9.50
CA HIS B 111 -5.02 -34.64 9.63
C HIS B 111 -4.88 -36.16 9.56
N ASP B 112 -4.05 -36.63 8.64
CA ASP B 112 -3.78 -38.05 8.43
C ASP B 112 -3.19 -38.69 9.72
N SER B 113 -2.19 -38.04 10.29
CA SER B 113 -1.62 -38.42 11.57
C SER B 113 -2.69 -38.49 12.67
N ASN B 114 -3.53 -37.47 12.75
CA ASN B 114 -4.56 -37.41 13.79
C ASN B 114 -5.51 -38.61 13.68
N VAL B 115 -5.87 -38.99 12.46
CA VAL B 115 -6.74 -40.14 12.24
C VAL B 115 -6.04 -41.45 12.58
N LYS B 116 -4.76 -41.57 12.19
CA LYS B 116 -3.98 -42.77 12.49
C LYS B 116 -3.85 -42.96 13.99
N ASN B 117 -3.58 -41.88 14.70
CA ASN B 117 -3.42 -41.92 16.14
C ASN B 117 -4.71 -42.33 16.86
N LEU B 118 -5.85 -41.86 16.36
CA LEU B 118 -7.13 -42.24 16.93
C LEU B 118 -7.38 -43.74 16.71
N TYR B 119 -7.06 -44.20 15.50
CA TYR B 119 -7.19 -45.60 15.14
C TYR B 119 -6.39 -46.50 16.07
N ASP B 120 -5.12 -46.16 16.24
CA ASP B 120 -4.23 -46.90 17.11
C ASP B 120 -4.69 -46.92 18.58
N LYS B 121 -5.26 -45.82 19.06
CA LYS B 121 -5.78 -45.80 20.45
C LYS B 121 -6.84 -46.88 20.65
N VAL B 122 -7.72 -47.02 19.66
CA VAL B 122 -8.76 -48.05 19.70
C VAL B 122 -8.16 -49.44 19.57
N ARG B 123 -7.30 -49.61 18.57
CA ARG B 123 -6.63 -50.89 18.33
C ARG B 123 -6.05 -51.49 19.61
N LEU B 124 -5.33 -50.67 20.37
CA LEU B 124 -4.62 -51.16 21.56
C LEU B 124 -5.54 -51.47 22.75
N GLN B 125 -6.71 -50.84 22.79
CA GLN B 125 -7.71 -51.17 23.81
C GLN B 125 -8.34 -52.52 23.51
N LEU B 126 -8.70 -52.72 22.25
CA LEU B 126 -9.44 -53.91 21.85
C LEU B 126 -8.56 -55.15 21.80
N ARG B 127 -7.34 -54.97 21.33
CA ARG B 127 -6.38 -56.06 21.17
C ARG B 127 -7.05 -57.28 20.54
N ASP B 128 -7.11 -58.37 21.32
CA ASP B 128 -7.50 -59.69 20.86
C ASP B 128 -9.03 -59.91 20.87
N ASN B 129 -9.78 -58.95 21.40
CA ASN B 129 -11.25 -59.09 21.51
C ASN B 129 -12.01 -58.68 20.24
N ALA B 130 -11.29 -58.21 19.24
CA ALA B 130 -11.91 -57.85 17.96
C ALA B 130 -10.94 -58.12 16.82
N LYS B 131 -11.50 -58.33 15.62
CA LYS B 131 -10.73 -58.54 14.42
C LYS B 131 -10.47 -57.21 13.72
N GLU B 132 -9.22 -56.97 13.36
CA GLU B 132 -8.82 -55.78 12.64
C GLU B 132 -9.03 -56.07 11.15
N LEU B 133 -10.01 -55.41 10.54
CA LEU B 133 -10.43 -55.75 9.16
C LEU B 133 -9.52 -55.17 8.08
N GLY B 134 -8.77 -54.12 8.41
CA GLY B 134 -7.83 -53.49 7.47
C GLY B 134 -8.39 -52.26 6.76
N ASN B 135 -9.62 -51.87 7.08
CA ASN B 135 -10.30 -50.76 6.39
C ASN B 135 -10.68 -49.63 7.36
N GLY B 136 -10.09 -49.66 8.55
CA GLY B 136 -10.46 -48.74 9.62
C GLY B 136 -11.44 -49.33 10.64
N CYS B 137 -12.03 -50.48 10.33
CA CYS B 137 -13.04 -51.09 11.20
C CYS B 137 -12.52 -52.28 12.02
N PHE B 138 -13.13 -52.47 13.19
CA PHE B 138 -12.88 -53.61 14.04
C PHE B 138 -14.17 -54.41 14.19
N GLU B 139 -14.08 -55.73 14.01
CA GLU B 139 -15.23 -56.62 14.15
C GLU B 139 -15.15 -57.39 15.47
N PHE B 140 -16.06 -57.06 16.39
CA PHE B 140 -16.04 -57.65 17.72
C PHE B 140 -16.32 -59.16 17.73
N TYR B 141 -15.61 -59.88 18.60
CA TYR B 141 -15.87 -61.29 18.86
C TYR B 141 -16.91 -61.47 19.99
N HIS B 142 -17.36 -60.36 20.57
CA HIS B 142 -18.41 -60.35 21.58
C HIS B 142 -19.46 -59.30 21.23
N LYS B 143 -20.61 -59.36 21.89
CA LYS B 143 -21.61 -58.32 21.74
C LYS B 143 -21.09 -57.07 22.41
N CYS B 144 -21.20 -55.94 21.70
CA CYS B 144 -20.79 -54.65 22.24
C CYS B 144 -21.96 -53.69 22.06
N ASP B 145 -22.77 -53.57 23.11
CA ASP B 145 -23.94 -52.67 23.10
C ASP B 145 -23.51 -51.20 23.13
N ASN B 146 -24.48 -50.29 23.21
CA ASN B 146 -24.17 -48.85 23.17
C ASN B 146 -23.23 -48.39 24.30
N GLU B 147 -23.42 -48.91 25.50
CA GLU B 147 -22.54 -48.56 26.63
C GLU B 147 -21.12 -49.06 26.39
N CYS B 148 -21.01 -50.29 25.88
CA CYS B 148 -19.73 -50.86 25.47
C CYS B 148 -19.07 -50.00 24.38
N MET B 149 -19.84 -49.61 23.37
CA MET B 149 -19.30 -48.75 22.30
C MET B 149 -18.77 -47.42 22.86
N GLU B 150 -19.52 -46.80 23.77
CA GLU B 150 -19.09 -45.56 24.40
C GLU B 150 -17.80 -45.74 25.21
N SER B 151 -17.63 -46.91 25.85
CA SER B 151 -16.42 -47.20 26.63
C SER B 151 -15.18 -47.19 25.72
N VAL B 152 -15.33 -47.69 24.50
CA VAL B 152 -14.25 -47.67 23.51
C VAL B 152 -13.92 -46.25 23.07
N ARG B 153 -14.97 -45.48 22.78
CA ARG B 153 -14.81 -44.10 22.34
C ARG B 153 -14.22 -43.20 23.43
N ASN B 154 -14.57 -43.43 24.69
CA ASN B 154 -14.02 -42.65 25.81
C ASN B 154 -12.78 -43.27 26.46
N GLY B 155 -12.26 -44.34 25.88
CA GLY B 155 -10.97 -44.89 26.27
C GLY B 155 -10.96 -45.63 27.59
N THR B 156 -12.09 -46.26 27.93
CA THR B 156 -12.21 -47.02 29.18
C THR B 156 -12.72 -48.45 28.92
N TYR B 157 -12.44 -48.97 27.72
CA TYR B 157 -12.89 -50.31 27.35
C TYR B 157 -12.27 -51.36 28.28
N ASP B 158 -13.11 -52.24 28.83
CA ASP B 158 -12.68 -53.25 29.81
C ASP B 158 -12.48 -54.61 29.13
N TYR B 159 -11.25 -54.86 28.68
CA TYR B 159 -10.89 -56.09 27.98
C TYR B 159 -11.21 -57.38 28.76
N PRO B 160 -10.80 -57.45 30.06
CA PRO B 160 -11.07 -58.66 30.86
C PRO B 160 -12.55 -59.03 31.00
N GLN B 161 -13.45 -58.06 30.87
CA GLN B 161 -14.88 -58.29 31.01
C GLN B 161 -15.44 -59.16 29.87
N TYR B 162 -14.84 -59.06 28.69
CA TYR B 162 -15.36 -59.71 27.49
C TYR B 162 -14.49 -60.86 26.95
N SER B 163 -13.27 -61.03 27.47
CA SER B 163 -12.34 -61.99 26.86
C SER B 163 -12.91 -63.42 26.75
N GLU B 164 -13.71 -63.83 27.75
CA GLU B 164 -14.32 -65.16 27.76
C GLU B 164 -15.33 -65.38 26.62
N GLU B 165 -16.22 -64.41 26.43
CA GLU B 165 -17.20 -64.53 25.34
CA GLU B 165 -17.20 -64.47 25.33
C GLU B 165 -16.52 -64.43 23.97
N ALA B 166 -15.43 -63.67 23.88
CA ALA B 166 -14.66 -63.54 22.65
C ALA B 166 -13.95 -64.83 22.25
N ARG B 167 -13.65 -65.69 23.23
CA ARG B 167 -12.96 -66.96 22.99
C ARG B 167 -13.88 -68.15 23.22
C1 NAG C . 15.67 38.88 12.13
C2 NAG C . 17.18 39.12 12.18
C3 NAG C . 17.76 39.08 13.57
C4 NAG C . 16.89 39.86 14.52
C5 NAG C . 15.49 39.30 14.53
C6 NAG C . 14.59 40.11 15.46
C7 NAG C . 18.77 38.31 10.46
C8 NAG C . 19.11 39.72 10.03
N2 NAG C . 17.88 38.10 11.43
O3 NAG C . 19.06 39.62 13.55
O4 NAG C . 17.44 39.79 15.80
O5 NAG C . 14.96 39.43 13.23
O6 NAG C . 14.50 41.40 14.87
O7 NAG C . 19.32 37.37 9.90
C1 NAG C . 17.85 41.10 16.25
C2 NAG C . 18.11 41.05 17.76
C3 NAG C . 18.41 42.45 18.24
C4 NAG C . 19.57 43.06 17.43
C5 NAG C . 19.44 42.83 15.91
C6 NAG C . 20.76 43.07 15.18
C7 NAG C . 16.93 39.17 18.82
C8 NAG C . 15.70 38.69 19.54
N2 NAG C . 16.97 40.46 18.46
O3 NAG C . 18.69 42.44 19.63
O4 NAG C . 19.60 44.46 17.62
O5 NAG C . 19.01 41.53 15.58
O6 NAG C . 21.47 44.14 15.76
O7 NAG C . 17.84 38.38 18.57
C1 BMA C . 20.45 44.91 18.70
C2 BMA C . 20.94 46.33 18.40
C3 BMA C . 21.80 46.83 19.56
C4 BMA C . 20.94 46.79 20.82
C5 BMA C . 20.54 45.33 21.04
C6 BMA C . 19.74 45.11 22.30
O2 BMA C . 19.75 47.12 18.21
O3 BMA C . 22.38 48.15 19.52
O4 BMA C . 21.66 47.33 21.93
O5 BMA C . 19.75 44.88 19.93
O6 BMA C . 19.78 43.69 22.49
C1 BMA C . 22.20 48.96 18.36
C2 BMA C . 22.87 50.31 18.63
C3 BMA C . 22.40 51.28 17.56
C4 BMA C . 22.56 50.68 16.15
C5 BMA C . 22.27 49.18 16.04
C6 BMA C . 22.87 48.57 14.77
O2 BMA C . 24.30 50.20 18.59
O3 BMA C . 23.13 52.51 17.68
O4 BMA C . 21.65 51.37 15.29
O5 BMA C . 22.78 48.45 17.17
O6 BMA C . 22.95 47.14 14.91
C1 MAN C . 19.16 43.36 23.73
C2 MAN C . 19.38 41.87 23.93
C3 MAN C . 18.48 41.08 22.99
C4 MAN C . 17.03 41.54 23.11
C5 MAN C . 16.93 43.05 22.90
C6 MAN C . 15.52 43.57 23.21
O2 MAN C . 19.20 41.54 25.29
O3 MAN C . 18.62 39.70 23.24
O4 MAN C . 16.24 40.87 22.15
O5 MAN C . 17.80 43.72 23.79
O6 MAN C . 15.20 43.25 24.55
C1 FUC C . 13.91 42.45 15.65
C2 FUC C . 12.50 42.91 15.32
C3 FUC C . 12.32 44.33 15.84
C4 FUC C . 13.63 45.13 15.69
C5 FUC C . 14.81 44.48 16.43
C6 FUC C . 16.13 44.66 15.70
O2 FUC C . 11.52 42.06 15.89
O3 FUC C . 11.28 44.98 15.14
O4 FUC C . 13.94 45.27 14.31
O5 FUC C . 14.59 43.09 16.70
C1 NAG D . 5.12 45.54 -27.80
C2 NAG D . 4.13 44.61 -27.12
C3 NAG D . 4.69 43.18 -27.25
C4 NAG D . 4.81 42.85 -28.73
C5 NAG D . 5.44 43.96 -29.59
C6 NAG D . 5.09 43.75 -31.06
C7 NAG D . 2.88 44.94 -25.03
C8 NAG D . 2.95 45.35 -23.59
N2 NAG D . 4.04 44.97 -25.70
O1 NAG D . 4.80 46.91 -27.52
O3 NAG D . 3.82 42.25 -26.59
O4 NAG D . 5.61 41.67 -28.90
O5 NAG D . 5.04 45.29 -29.20
O6 NAG D . 6.19 44.12 -31.89
O7 NAG D . 1.83 44.58 -25.54
C1 GAL D . 4.85 40.47 -28.97
C2 GAL D . 5.54 39.49 -29.90
C3 GAL D . 4.88 38.11 -29.87
C4 GAL D . 4.57 37.64 -28.45
C5 GAL D . 3.89 38.75 -27.66
C6 GAL D . 3.58 38.40 -26.22
O2 GAL D . 5.50 40.03 -31.23
O3 GAL D . 5.75 37.17 -30.52
O4 GAL D . 5.78 37.24 -27.80
O5 GAL D . 4.75 39.90 -27.67
O6 GAL D . 3.03 39.58 -25.60
C1 SIA D . 2.66 38.45 -23.53
C2 SIA D . 3.20 39.70 -24.19
C3 SIA D . 2.41 40.93 -23.76
C4 SIA D . 2.70 41.31 -22.31
C5 SIA D . 4.19 41.44 -22.07
C6 SIA D . 4.92 40.18 -22.51
C7 SIA D . 6.44 40.23 -22.32
C8 SIA D . 7.17 39.04 -22.92
C9 SIA D . 8.60 38.97 -22.41
C10 SIA D . 5.26 42.34 -20.05
C11 SIA D . 5.27 42.32 -18.56
N5 SIA D . 4.35 41.56 -20.63
O1A SIA D . 1.42 38.31 -23.50
O1B SIA D . 3.45 37.58 -23.06
O4 SIA D . 2.03 42.53 -21.97
O6 SIA D . 4.60 39.90 -23.89
O7 SIA D . 6.97 41.44 -22.88
O8 SIA D . 6.50 37.81 -22.59
O9 SIA D . 9.33 37.88 -23.01
O10 SIA D . 6.04 43.03 -20.68
C1 NAG E . -23.39 -27.73 1.40
C2 NAG E . -24.62 -27.00 0.86
C3 NAG E . -24.94 -25.75 1.68
C4 NAG E . -25.17 -26.19 3.12
C5 NAG E . -23.92 -26.93 3.62
C6 NAG E . -24.08 -27.40 5.07
C7 NAG E . -25.31 -27.00 -1.51
C8 NAG E . -26.62 -27.65 -1.16
N2 NAG E . -24.42 -26.71 -0.55
O3 NAG E . -26.09 -25.11 1.16
O4 NAG E . -25.44 -25.07 3.94
O5 NAG E . -23.63 -28.04 2.78
O6 NAG E . -25.21 -28.24 5.19
O7 NAG E . -25.08 -26.73 -2.68
C1 NAG F . -5.39 -27.80 -12.05
C2 NAG F . -4.94 -28.45 -13.37
C3 NAG F . -4.69 -27.41 -14.45
C4 NAG F . -5.98 -26.65 -14.68
C5 NAG F . -6.44 -26.00 -13.38
C6 NAG F . -7.83 -25.43 -13.61
C7 NAG F . -3.74 -30.54 -13.12
C8 NAG F . -2.41 -31.22 -13.00
N2 NAG F . -3.72 -29.22 -13.23
O3 NAG F . -4.26 -28.05 -15.63
O4 NAG F . -5.80 -25.68 -15.70
O5 NAG F . -6.51 -26.94 -12.29
O6 NAG F . -8.29 -24.70 -12.49
O7 NAG F . -4.80 -31.19 -13.09
N1 EPE G . -16.91 -48.14 6.37
C2 EPE G . -17.22 -49.55 6.58
C3 EPE G . -16.16 -50.33 5.80
N4 EPE G . -15.76 -49.58 4.60
C5 EPE G . -15.45 -48.15 4.65
C6 EPE G . -15.56 -47.73 6.11
C7 EPE G . -15.58 -50.24 3.30
C8 EPE G . -16.81 -51.07 2.98
O8 EPE G . -16.53 -52.45 3.27
C9 EPE G . -17.98 -47.17 6.28
C10 EPE G . -18.53 -46.93 7.68
S EPE G . -20.10 -46.41 7.52
O1S EPE G . -20.45 -45.99 6.15
O2S EPE G . -20.30 -45.24 8.41
O3S EPE G . -21.00 -47.52 7.91
#